data_8ZE9
#
_entry.id   8ZE9
#
_cell.length_a   107.499
_cell.length_b   107.499
_cell.length_c   44.919
_cell.angle_alpha   90.000
_cell.angle_beta   90.000
_cell.angle_gamma   120.000
#
_symmetry.space_group_name_H-M   'P 63'
#
loop_
_entity.id
_entity.type
_entity.pdbx_description
1 polymer 'Triacylglycerol lipase'
2 non-polymer '~{O}1-[(2~{R})-2-ethylhexyl] ~{O}2-[(2~{S})-2-ethylhexyl] benzene-1,2-dicarboxylate'
3 non-polymer 2-AMINO-2-HYDROXYMETHYL-PROPANE-1,3-DIOL
4 non-polymer GLYCEROL
5 water water
#
_entity_poly.entity_id   1
_entity_poly.type   'polypeptide(L)'
_entity_poly.pdbx_seq_one_letter_code
;MPLDPRVEQFLAQMPPLNREGLSLAEARQQFKQGALLLDQMVPPPPVDTEDGTVVTTHGPVRIRRYIPDRLRFSHPLVFY
HGGGFVFGDIDTHHGLVARLCQTVGATVISVDYSLAPEAKFPVPVAECIDVARWAAHEAPGWGLKPSIVVAGDAAGGNLA
AVVSQRAKDESLPIAAQLLFYPALDMVHETPSKRDFARGYLLEADAMQWFGEQYLRTPDDVSHPWASPALSPDLTGLPPA
LVITAEYDPLRDEGEAYAEALRAAGVPTEQIRFDGMIHGFMTMPIFPQMEAAIEAVARFLERID
;
_entity_poly.pdbx_strand_id   A
#
loop_
_chem_comp.id
_chem_comp.type
_chem_comp.name
_chem_comp.formula
GOL non-polymer GLYCEROL 'C3 H8 O3'
TKU non-polymer '~{O}1-[(2~{R})-2-ethylhexyl] ~{O}2-[(2~{S})-2-ethylhexyl] benzene-1,2-dicarboxylate' 'C24 H38 O4'
TRS non-polymer 2-AMINO-2-HYDROXYMETHYL-PROPANE-1,3-DIOL 'C4 H12 N O3 1'
#
# COMPACT_ATOMS: atom_id res chain seq x y z
N MET A 1 -24.09 1.91 0.38
CA MET A 1 -23.83 1.34 1.74
C MET A 1 -24.14 -0.14 1.79
N PRO A 2 -25.16 -0.69 1.08
CA PRO A 2 -25.25 -2.15 0.91
C PRO A 2 -24.03 -2.59 0.09
N LEU A 3 -23.73 -3.89 0.08
CA LEU A 3 -22.57 -4.44 -0.60
C LEU A 3 -22.68 -4.17 -2.10
N ASP A 4 -21.67 -3.52 -2.71
CA ASP A 4 -21.70 -3.24 -4.13
C ASP A 4 -22.11 -4.52 -4.87
N PRO A 5 -23.04 -4.41 -5.86
CA PRO A 5 -23.54 -5.59 -6.57
C PRO A 5 -22.45 -6.38 -7.29
N ARG A 6 -21.47 -5.67 -7.86
CA ARG A 6 -20.41 -6.36 -8.60
C ARG A 6 -19.52 -7.10 -7.62
N VAL A 7 -19.27 -6.47 -6.46
CA VAL A 7 -18.55 -7.10 -5.34
C VAL A 7 -19.27 -8.38 -4.89
N GLU A 8 -20.60 -8.29 -4.67
CA GLU A 8 -21.42 -9.43 -4.32
C GLU A 8 -21.20 -10.58 -5.32
N GLN A 9 -21.29 -10.28 -6.62
CA GLN A 9 -21.08 -11.29 -7.64
C GLN A 9 -19.69 -11.90 -7.52
N PHE A 10 -18.69 -11.02 -7.35
CA PHE A 10 -17.31 -11.45 -7.19
C PHE A 10 -17.20 -12.45 -6.05
N LEU A 11 -17.81 -12.13 -4.91
CA LEU A 11 -17.66 -12.96 -3.72
C LEU A 11 -18.38 -14.30 -3.89
N ALA A 12 -19.53 -14.28 -4.59
CA ALA A 12 -20.32 -15.48 -4.85
C ALA A 12 -19.55 -16.49 -5.71
N GLN A 13 -18.74 -15.99 -6.67
CA GLN A 13 -18.05 -16.85 -7.62
C GLN A 13 -16.55 -16.87 -7.30
N MET A 14 -16.12 -17.96 -6.65
CA MET A 14 -14.75 -18.08 -6.17
C MET A 14 -14.46 -19.55 -5.86
N LEU A 22 -2.23 -24.57 -0.46
CA LEU A 22 -1.88 -25.43 0.70
C LEU A 22 -0.36 -25.41 0.92
N SER A 23 0.40 -25.26 -0.17
CA SER A 23 1.85 -25.13 -0.14
C SER A 23 2.23 -23.67 -0.32
N LEU A 24 3.35 -23.23 0.30
CA LEU A 24 3.74 -21.83 0.27
C LEU A 24 3.99 -21.34 -1.16
N ALA A 25 4.77 -22.09 -1.95
CA ALA A 25 5.09 -21.71 -3.32
C ALA A 25 3.82 -21.62 -4.19
N GLU A 26 2.84 -22.48 -3.89
CA GLU A 26 1.68 -22.61 -4.76
C GLU A 26 0.53 -21.75 -4.23
N ALA A 27 0.64 -21.30 -2.97
CA ALA A 27 -0.26 -20.28 -2.45
C ALA A 27 0.11 -18.92 -3.06
N ARG A 28 1.42 -18.68 -3.21
CA ARG A 28 1.97 -17.52 -3.89
C ARG A 28 1.55 -17.53 -5.36
N GLN A 29 1.36 -18.74 -5.90
CA GLN A 29 1.03 -18.95 -7.29
C GLN A 29 -0.44 -18.58 -7.59
N GLN A 30 -1.35 -19.09 -6.77
CA GLN A 30 -2.77 -18.83 -6.92
C GLN A 30 -3.05 -17.35 -6.67
N PHE A 31 -2.19 -16.72 -5.86
CA PHE A 31 -2.33 -15.28 -5.66
C PHE A 31 -1.98 -14.59 -6.97
N LYS A 32 -0.83 -14.95 -7.57
CA LYS A 32 -0.41 -14.36 -8.84
C LYS A 32 -1.45 -14.62 -9.92
N GLN A 33 -2.08 -15.81 -9.91
CA GLN A 33 -2.98 -16.17 -11.00
C GLN A 33 -4.30 -15.40 -10.88
N GLY A 34 -4.86 -15.31 -9.66
CA GLY A 34 -5.99 -14.43 -9.39
C GLY A 34 -5.78 -13.01 -9.92
N ALA A 35 -4.54 -12.49 -9.79
CA ALA A 35 -4.20 -11.14 -10.23
C ALA A 35 -4.20 -11.01 -11.75
N LEU A 36 -3.49 -11.93 -12.43
CA LEU A 36 -3.32 -11.82 -13.87
C LEU A 36 -4.64 -12.15 -14.58
N LEU A 37 -5.52 -12.91 -13.90
CA LEU A 37 -6.87 -13.19 -14.35
C LEU A 37 -7.69 -11.89 -14.39
N LEU A 38 -7.56 -11.04 -13.35
CA LEU A 38 -8.25 -9.75 -13.29
C LEU A 38 -7.76 -8.79 -14.37
N ASP A 39 -6.47 -8.84 -14.67
CA ASP A 39 -5.82 -7.99 -15.65
C ASP A 39 -6.18 -8.41 -17.08
N GLN A 40 -6.34 -9.73 -17.29
CA GLN A 40 -6.77 -10.22 -18.59
C GLN A 40 -8.16 -9.64 -18.91
N MET A 41 -9.06 -9.74 -17.92
CA MET A 41 -10.44 -9.30 -18.01
C MET A 41 -10.52 -7.79 -18.25
N VAL A 42 -9.72 -7.01 -17.50
CA VAL A 42 -9.73 -5.57 -17.74
C VAL A 42 -8.30 -5.03 -17.84
N PRO A 43 -7.75 -5.06 -19.08
CA PRO A 43 -6.35 -4.75 -19.36
C PRO A 43 -5.93 -3.39 -18.82
N PRO A 44 -4.67 -3.24 -18.33
CA PRO A 44 -4.14 -1.95 -17.90
C PRO A 44 -3.88 -1.01 -19.09
N PRO A 45 -3.71 0.32 -18.91
CA PRO A 45 -3.33 1.17 -20.04
C PRO A 45 -1.87 0.80 -20.36
N PRO A 46 -1.37 1.08 -21.58
CA PRO A 46 0.07 0.91 -21.85
C PRO A 46 0.88 2.02 -21.16
N VAL A 47 2.08 1.65 -20.71
CA VAL A 47 2.97 2.54 -19.97
C VAL A 47 4.42 2.08 -20.17
N ASP A 48 5.33 3.04 -20.39
CA ASP A 48 6.77 2.82 -20.47
C ASP A 48 7.36 2.51 -19.09
N THR A 49 8.03 1.37 -18.99
CA THR A 49 8.69 0.95 -17.77
C THR A 49 10.16 0.60 -18.02
N GLU A 50 10.94 0.58 -16.94
CA GLU A 50 12.30 0.06 -16.98
C GLU A 50 12.56 -0.64 -15.65
N ASP A 51 13.02 -1.89 -15.72
CA ASP A 51 13.42 -2.66 -14.56
C ASP A 51 14.78 -2.15 -14.06
N GLY A 52 15.13 -2.54 -12.82
CA GLY A 52 16.33 -2.08 -12.14
C GLY A 52 16.45 -2.78 -10.80
N THR A 53 17.50 -2.46 -10.03
CA THR A 53 17.78 -3.04 -8.73
C THR A 53 18.20 -1.93 -7.76
N VAL A 54 17.81 -2.06 -6.50
CA VAL A 54 18.33 -1.12 -5.51
C VAL A 54 19.11 -1.90 -4.45
N VAL A 55 20.33 -1.41 -4.18
CA VAL A 55 21.20 -1.91 -3.12
C VAL A 55 20.64 -1.48 -1.77
N THR A 56 20.06 -2.42 -1.02
CA THR A 56 19.58 -2.08 0.31
C THR A 56 20.53 -2.72 1.33
N THR A 57 20.31 -2.39 2.61
CA THR A 57 21.11 -2.92 3.71
C THR A 57 20.77 -4.38 4.00
N HIS A 58 19.87 -4.97 3.19
CA HIS A 58 19.51 -6.36 3.38
C HIS A 58 19.58 -7.13 2.06
N GLY A 59 20.09 -6.47 1.03
CA GLY A 59 20.32 -7.16 -0.23
C GLY A 59 19.83 -6.34 -1.41
N PRO A 60 19.98 -6.86 -2.66
CA PRO A 60 19.39 -6.23 -3.84
C PRO A 60 17.87 -6.43 -3.73
N VAL A 61 17.14 -5.39 -4.15
CA VAL A 61 15.69 -5.43 -4.21
C VAL A 61 15.28 -4.98 -5.62
N ARG A 62 14.51 -5.82 -6.33
CA ARG A 62 14.06 -5.44 -7.66
C ARG A 62 13.03 -4.32 -7.55
N ILE A 63 13.13 -3.36 -8.49
CA ILE A 63 12.22 -2.23 -8.62
C ILE A 63 11.81 -2.10 -10.10
N ARG A 64 10.65 -1.46 -10.34
CA ARG A 64 10.26 -1.04 -11.68
C ARG A 64 9.84 0.44 -11.67
N ARG A 65 10.41 1.21 -12.59
CA ARG A 65 10.08 2.60 -12.77
C ARG A 65 9.06 2.71 -13.89
N TYR A 66 7.92 3.38 -13.62
CA TYR A 66 6.90 3.73 -14.58
C TYR A 66 7.09 5.19 -14.95
N ILE A 67 7.06 5.47 -16.27
CA ILE A 67 7.23 6.81 -16.81
C ILE A 67 5.91 7.21 -17.48
N PRO A 68 5.28 8.34 -17.08
CA PRO A 68 3.99 8.74 -17.66
C PRO A 68 4.21 9.33 -19.05
N ASP A 69 3.17 9.16 -19.89
CA ASP A 69 3.13 9.75 -21.21
C ASP A 69 3.36 11.24 -21.07
N ARG A 70 2.77 11.82 -20.01
CA ARG A 70 2.79 13.25 -19.77
C ARG A 70 3.02 13.48 -18.29
N LEU A 71 4.15 14.12 -17.96
CA LEU A 71 4.59 14.35 -16.58
C LEU A 71 3.92 15.62 -16.06
N ARG A 72 3.03 15.45 -15.07
CA ARG A 72 2.22 16.53 -14.53
C ARG A 72 2.58 16.77 -13.06
N PHE A 73 3.26 15.82 -12.44
CA PHE A 73 3.48 15.83 -11.01
C PHE A 73 4.99 15.86 -10.75
N SER A 74 5.40 16.61 -9.74
CA SER A 74 6.78 16.99 -9.63
C SER A 74 7.54 16.20 -8.55
N HIS A 75 6.92 15.13 -8.01
CA HIS A 75 7.61 14.24 -7.08
C HIS A 75 7.48 12.78 -7.52
N PRO A 76 8.54 11.96 -7.32
CA PRO A 76 8.38 10.52 -7.55
C PRO A 76 7.50 9.89 -6.49
N LEU A 77 6.68 8.93 -6.93
CA LEU A 77 5.93 8.05 -6.04
C LEU A 77 6.73 6.76 -5.86
N VAL A 78 6.78 6.29 -4.63
CA VAL A 78 7.31 4.96 -4.33
C VAL A 78 6.19 4.11 -3.75
N PHE A 79 5.83 3.09 -4.54
CA PHE A 79 4.70 2.21 -4.24
C PHE A 79 5.21 0.90 -3.64
N TYR A 80 4.64 0.49 -2.50
CA TYR A 80 4.90 -0.83 -1.92
C TYR A 80 3.64 -1.70 -2.03
N HIS A 81 3.74 -2.83 -2.76
CA HIS A 81 2.60 -3.70 -3.00
C HIS A 81 2.17 -4.41 -1.70
N GLY A 82 0.89 -4.81 -1.64
CA GLY A 82 0.36 -5.60 -0.53
C GLY A 82 0.40 -7.10 -0.79
N GLY A 83 -0.25 -7.84 0.11
CA GLY A 83 -0.36 -9.28 0.01
C GLY A 83 0.07 -9.97 1.30
N GLY A 84 -0.11 -9.31 2.44
CA GLY A 84 0.09 -9.85 3.77
C GLY A 84 1.55 -10.11 4.16
N PHE A 85 2.52 -9.52 3.42
CA PHE A 85 3.96 -9.63 3.60
C PHE A 85 4.48 -10.95 3.04
N VAL A 86 3.58 -11.76 2.49
CA VAL A 86 3.86 -13.12 2.07
C VAL A 86 3.73 -13.25 0.54
N PHE A 87 2.79 -12.49 -0.05
CA PHE A 87 2.44 -12.66 -1.45
C PHE A 87 2.67 -11.38 -2.22
N GLY A 88 2.43 -11.46 -3.53
CA GLY A 88 2.40 -10.30 -4.40
C GLY A 88 3.79 -10.00 -4.92
N ASP A 89 3.82 -9.16 -5.94
CA ASP A 89 5.05 -8.60 -6.51
C ASP A 89 4.68 -7.45 -7.44
N ILE A 90 5.69 -6.99 -8.18
CA ILE A 90 5.60 -5.96 -9.18
CA ILE A 90 5.55 -5.93 -9.15
C ILE A 90 4.47 -6.27 -10.18
N ASP A 91 4.35 -7.57 -10.58
CA ASP A 91 3.37 -7.97 -11.60
C ASP A 91 1.93 -8.00 -11.06
N THR A 92 1.74 -8.46 -9.83
CA THR A 92 0.41 -8.50 -9.23
C THR A 92 -0.19 -7.08 -9.12
N HIS A 93 0.66 -6.06 -8.94
CA HIS A 93 0.23 -4.68 -8.69
C HIS A 93 0.47 -3.75 -9.87
N HIS A 94 0.83 -4.33 -11.01
CA HIS A 94 1.04 -3.58 -12.24
C HIS A 94 -0.24 -2.85 -12.69
N GLY A 95 -1.41 -3.49 -12.58
CA GLY A 95 -2.67 -2.86 -12.97
C GLY A 95 -2.97 -1.58 -12.19
N LEU A 96 -2.72 -1.59 -10.87
CA LEU A 96 -2.84 -0.38 -10.07
C LEU A 96 -1.75 0.64 -10.42
N VAL A 97 -0.49 0.20 -10.46
CA VAL A 97 0.63 1.12 -10.61
C VAL A 97 0.57 1.79 -11.99
N ALA A 98 0.24 1.01 -13.03
CA ALA A 98 0.12 1.54 -14.40
C ALA A 98 -0.85 2.73 -14.43
N ARG A 99 -2.03 2.56 -13.80
CA ARG A 99 -3.07 3.58 -13.76
C ARG A 99 -2.65 4.76 -12.88
N LEU A 100 -1.98 4.50 -11.74
CA LEU A 100 -1.50 5.59 -10.91
C LEU A 100 -0.55 6.46 -11.74
N CYS A 101 0.38 5.80 -12.43
CA CYS A 101 1.36 6.45 -13.28
C CYS A 101 0.72 7.36 -14.34
N GLN A 102 -0.27 6.82 -15.06
CA GLN A 102 -0.88 7.50 -16.20
C GLN A 102 -1.90 8.52 -15.73
N THR A 103 -2.72 8.19 -14.72
CA THR A 103 -3.77 9.10 -14.25
C THR A 103 -3.19 10.32 -13.55
N VAL A 104 -2.22 10.09 -12.66
CA VAL A 104 -1.57 11.19 -11.95
C VAL A 104 -0.57 11.88 -12.88
N GLY A 105 -0.02 11.13 -13.85
CA GLY A 105 1.13 11.59 -14.60
C GLY A 105 2.32 11.83 -13.68
N ALA A 106 2.68 10.77 -12.93
CA ALA A 106 3.83 10.75 -12.01
C ALA A 106 4.73 9.59 -12.39
N THR A 107 6.06 9.73 -12.26
CA THR A 107 6.91 8.55 -12.32
C THR A 107 6.73 7.78 -11.02
N VAL A 108 6.56 6.44 -11.12
CA VAL A 108 6.29 5.61 -9.96
C VAL A 108 7.38 4.54 -9.84
N ILE A 109 7.99 4.42 -8.65
CA ILE A 109 8.89 3.34 -8.32
C ILE A 109 8.11 2.24 -7.58
N SER A 110 7.85 1.13 -8.27
CA SER A 110 7.18 -0.02 -7.67
C SER A 110 8.22 -0.97 -7.09
N VAL A 111 8.03 -1.44 -5.85
CA VAL A 111 9.13 -2.10 -5.12
C VAL A 111 8.82 -3.59 -4.86
N ASP A 112 9.76 -4.47 -5.24
CA ASP A 112 9.74 -5.89 -4.90
C ASP A 112 10.54 -6.20 -3.64
N TYR A 113 9.99 -5.85 -2.47
CA TYR A 113 10.68 -6.09 -1.21
C TYR A 113 10.68 -7.60 -0.89
N SER A 114 11.53 -8.01 0.06
CA SER A 114 11.67 -9.39 0.51
C SER A 114 10.41 -9.86 1.26
N LEU A 115 9.86 -11.00 0.84
CA LEU A 115 8.67 -11.58 1.42
C LEU A 115 9.00 -12.52 2.58
N ALA A 116 8.09 -12.57 3.56
CA ALA A 116 8.10 -13.53 4.64
C ALA A 116 7.53 -14.85 4.12
N PRO A 117 7.81 -16.03 4.73
CA PRO A 117 8.65 -16.12 5.93
C PRO A 117 10.17 -16.19 5.76
N GLU A 118 10.65 -16.14 4.51
CA GLU A 118 12.08 -16.18 4.23
C GLU A 118 12.80 -14.99 4.88
N ALA A 119 12.33 -13.77 4.57
CA ALA A 119 12.72 -12.59 5.34
C ALA A 119 11.64 -12.33 6.39
N LYS A 120 12.05 -11.87 7.57
CA LYS A 120 11.09 -11.56 8.63
C LYS A 120 11.16 -10.09 9.00
N PHE A 121 10.12 -9.64 9.71
CA PHE A 121 10.10 -8.33 10.33
C PHE A 121 11.42 -8.16 11.06
N PRO A 122 12.14 -7.01 10.90
CA PRO A 122 11.66 -5.88 10.08
C PRO A 122 12.43 -5.64 8.78
N VAL A 123 12.78 -6.73 8.07
CA VAL A 123 13.61 -6.62 6.88
C VAL A 123 12.90 -5.73 5.86
N PRO A 124 11.62 -5.97 5.47
CA PRO A 124 10.98 -5.11 4.47
C PRO A 124 10.84 -3.65 4.91
N VAL A 125 10.73 -3.41 6.21
CA VAL A 125 10.73 -2.04 6.70
C VAL A 125 12.05 -1.33 6.30
N ALA A 126 13.19 -1.96 6.62
CA ALA A 126 14.50 -1.40 6.34
C ALA A 126 14.69 -1.21 4.83
N GLU A 127 14.22 -2.18 4.04
CA GLU A 127 14.45 -2.13 2.59
C GLU A 127 13.62 -1.03 1.94
N CYS A 128 12.38 -0.88 2.44
CA CYS A 128 11.48 0.14 1.95
C CYS A 128 12.03 1.52 2.26
N ILE A 129 12.70 1.65 3.41
CA ILE A 129 13.34 2.90 3.79
C ILE A 129 14.50 3.17 2.83
N ASP A 130 15.23 2.10 2.46
CA ASP A 130 16.43 2.23 1.64
C ASP A 130 16.07 2.68 0.23
N VAL A 131 14.97 2.11 -0.31
CA VAL A 131 14.48 2.44 -1.64
C VAL A 131 13.95 3.88 -1.68
N ALA A 132 13.19 4.30 -0.64
CA ALA A 132 12.70 5.67 -0.51
C ALA A 132 13.87 6.66 -0.49
N ARG A 133 14.95 6.32 0.22
CA ARG A 133 16.17 7.13 0.24
C ARG A 133 16.84 7.17 -1.14
N TRP A 134 16.87 6.00 -1.80
CA TRP A 134 17.38 5.92 -3.16
C TRP A 134 16.64 6.89 -4.07
N ALA A 135 15.30 6.81 -4.05
CA ALA A 135 14.45 7.62 -4.92
C ALA A 135 14.62 9.12 -4.62
N ALA A 136 14.74 9.48 -3.34
CA ALA A 136 14.98 10.87 -2.95
C ALA A 136 16.26 11.39 -3.61
N HIS A 137 17.30 10.53 -3.66
CA HIS A 137 18.61 10.83 -4.22
C HIS A 137 18.55 10.97 -5.74
N GLU A 138 17.77 10.11 -6.40
CA GLU A 138 17.65 10.09 -7.86
C GLU A 138 16.80 11.24 -8.42
N ALA A 139 15.93 11.81 -7.57
CA ALA A 139 14.82 12.66 -8.01
C ALA A 139 15.31 13.89 -8.78
N PRO A 140 16.34 14.65 -8.31
CA PRO A 140 16.91 15.74 -9.10
C PRO A 140 17.29 15.34 -10.54
N GLY A 141 17.78 14.10 -10.72
CA GLY A 141 18.24 13.63 -12.02
C GLY A 141 17.11 13.18 -12.95
N TRP A 142 15.89 13.06 -12.40
CA TRP A 142 14.69 12.80 -13.19
C TRP A 142 13.99 14.10 -13.54
N GLY A 143 14.53 15.22 -13.06
CA GLY A 143 13.90 16.53 -13.19
C GLY A 143 12.78 16.78 -12.17
N LEU A 144 12.85 16.13 -10.99
CA LEU A 144 11.75 16.17 -10.03
C LEU A 144 12.27 16.79 -8.73
N LYS A 145 11.34 17.08 -7.83
CA LYS A 145 11.67 17.55 -6.49
C LYS A 145 12.21 16.37 -5.70
N PRO A 146 13.11 16.60 -4.71
CA PRO A 146 13.72 15.51 -3.94
C PRO A 146 12.81 14.80 -2.95
N SER A 147 11.74 15.48 -2.53
CA SER A 147 10.76 14.89 -1.62
C SER A 147 9.90 13.88 -2.37
N ILE A 148 9.74 12.69 -1.81
CA ILE A 148 8.99 11.62 -2.48
C ILE A 148 7.57 11.49 -1.90
N VAL A 149 6.67 10.82 -2.64
CA VAL A 149 5.42 10.31 -2.08
C VAL A 149 5.50 8.80 -1.88
N VAL A 150 5.23 8.32 -0.66
CA VAL A 150 5.18 6.88 -0.44
C VAL A 150 3.73 6.41 -0.50
N ALA A 151 3.55 5.15 -0.90
CA ALA A 151 2.24 4.63 -1.22
C ALA A 151 2.28 3.11 -1.15
N GLY A 152 1.16 2.51 -0.74
CA GLY A 152 1.01 1.08 -0.65
C GLY A 152 -0.41 0.68 -0.30
N ASP A 153 -0.79 -0.57 -0.60
CA ASP A 153 -2.08 -1.15 -0.29
C ASP A 153 -1.93 -2.26 0.75
N ALA A 154 -2.83 -2.29 1.74
CA ALA A 154 -2.88 -3.32 2.78
C ALA A 154 -1.55 -3.41 3.54
N ALA A 155 -0.82 -4.53 3.38
CA ALA A 155 0.52 -4.70 3.95
C ALA A 155 1.47 -3.64 3.42
N GLY A 156 1.28 -3.23 2.17
CA GLY A 156 2.11 -2.19 1.58
C GLY A 156 1.81 -0.79 2.13
N GLY A 157 0.58 -0.59 2.64
CA GLY A 157 0.16 0.63 3.31
C GLY A 157 0.78 0.72 4.69
N ASN A 158 0.86 -0.45 5.34
CA ASN A 158 1.60 -0.60 6.59
C ASN A 158 3.05 -0.11 6.42
N LEU A 159 3.74 -0.59 5.37
CA LEU A 159 5.12 -0.20 5.09
C LEU A 159 5.20 1.31 4.78
N ALA A 160 4.24 1.84 4.00
CA ALA A 160 4.31 3.25 3.63
C ALA A 160 4.14 4.13 4.87
N ALA A 161 3.31 3.67 5.82
CA ALA A 161 3.01 4.35 7.08
C ALA A 161 4.21 4.32 8.02
N VAL A 162 4.90 3.17 8.08
CA VAL A 162 6.10 3.02 8.91
C VAL A 162 7.22 3.86 8.31
N VAL A 163 7.34 3.80 6.99
CA VAL A 163 8.37 4.61 6.34
C VAL A 163 8.14 6.08 6.68
N SER A 164 6.88 6.54 6.66
CA SER A 164 6.55 7.94 6.94
C SER A 164 6.90 8.34 8.37
N GLN A 165 6.61 7.44 9.33
CA GLN A 165 6.92 7.68 10.74
C GLN A 165 8.43 7.68 10.99
N ARG A 166 9.19 6.93 10.18
CA ARG A 166 10.63 6.89 10.39
C ARG A 166 11.38 7.92 9.55
N ALA A 167 10.64 8.71 8.75
CA ALA A 167 11.23 9.62 7.76
C ALA A 167 12.19 10.61 8.42
N LYS A 168 11.74 11.25 9.51
CA LYS A 168 12.48 12.32 10.18
C LYS A 168 13.81 11.78 10.73
N ASP A 169 13.74 10.65 11.46
CA ASP A 169 14.91 10.06 12.09
C ASP A 169 15.95 9.65 11.05
N GLU A 170 15.48 9.36 9.83
CA GLU A 170 16.31 8.78 8.79
C GLU A 170 16.68 9.85 7.77
N SER A 171 16.36 11.11 8.08
CA SER A 171 16.66 12.24 7.22
C SER A 171 16.12 12.01 5.80
N LEU A 172 14.86 11.61 5.70
CA LEU A 172 14.29 11.21 4.43
C LEU A 172 13.11 12.14 4.11
N PRO A 173 13.17 12.92 3.02
CA PRO A 173 12.12 13.87 2.69
C PRO A 173 10.92 13.17 2.07
N ILE A 174 9.76 13.28 2.71
CA ILE A 174 8.51 12.69 2.22
C ILE A 174 7.44 13.79 2.13
N ALA A 175 6.89 13.97 0.93
CA ALA A 175 5.96 15.05 0.64
C ALA A 175 4.51 14.62 0.97
N ALA A 176 4.23 13.30 0.86
CA ALA A 176 2.93 12.74 1.22
C ALA A 176 3.01 11.22 1.39
N GLN A 177 1.91 10.66 1.94
CA GLN A 177 1.77 9.23 2.15
C GLN A 177 0.35 8.87 1.71
N LEU A 178 0.26 7.91 0.79
CA LEU A 178 -1.01 7.37 0.32
C LEU A 178 -1.17 5.98 0.93
N LEU A 179 -2.17 5.82 1.81
CA LEU A 179 -2.43 4.54 2.46
C LEU A 179 -3.75 3.96 1.95
N PHE A 180 -3.68 2.82 1.26
CA PHE A 180 -4.88 2.23 0.72
C PHE A 180 -5.26 1.01 1.55
N TYR A 181 -6.42 1.09 2.23
CA TYR A 181 -6.84 0.08 3.21
C TYR A 181 -5.64 -0.55 3.92
N PRO A 182 -4.86 0.25 4.67
CA PRO A 182 -3.63 -0.25 5.31
C PRO A 182 -3.93 -1.13 6.52
N ALA A 183 -3.00 -2.05 6.82
CA ALA A 183 -2.93 -2.71 8.12
C ALA A 183 -2.08 -1.84 9.03
N LEU A 184 -2.57 -1.45 10.22
CA LEU A 184 -1.84 -0.48 11.02
C LEU A 184 -1.67 -0.97 12.46
N ASP A 185 -2.60 -1.81 12.93
CA ASP A 185 -2.63 -2.16 14.35
C ASP A 185 -2.84 -3.66 14.48
N MET A 186 -1.79 -4.35 14.90
CA MET A 186 -1.81 -5.80 14.97
C MET A 186 -2.18 -6.25 16.38
N VAL A 187 -2.40 -5.29 17.30
CA VAL A 187 -2.66 -5.56 18.70
C VAL A 187 -4.17 -5.54 18.96
N HIS A 188 -4.86 -4.45 18.61
CA HIS A 188 -6.24 -4.23 19.04
C HIS A 188 -7.25 -4.83 18.06
N GLU A 189 -8.32 -5.37 18.65
CA GLU A 189 -9.47 -5.90 17.93
C GLU A 189 -10.54 -4.81 17.83
N THR A 190 -10.60 -4.17 16.66
CA THR A 190 -11.56 -3.13 16.36
C THR A 190 -12.93 -3.75 16.04
N PRO A 191 -14.05 -2.98 16.06
CA PRO A 191 -15.34 -3.51 15.61
C PRO A 191 -15.40 -4.10 14.18
N SER A 192 -14.76 -3.41 13.22
CA SER A 192 -14.72 -3.87 11.83
C SER A 192 -13.98 -5.20 11.69
N LYS A 193 -12.95 -5.41 12.50
CA LYS A 193 -12.23 -6.68 12.52
C LYS A 193 -13.13 -7.83 12.97
N ARG A 194 -14.08 -7.55 13.88
CA ARG A 194 -14.99 -8.55 14.40
C ARG A 194 -16.17 -8.73 13.45
N ASP A 195 -16.75 -7.62 13.02
CA ASP A 195 -17.92 -7.59 12.14
C ASP A 195 -17.63 -8.20 10.77
N PHE A 196 -16.37 -8.19 10.30
CA PHE A 196 -16.09 -8.60 8.93
C PHE A 196 -14.94 -9.59 8.90
N ALA A 197 -14.96 -10.48 9.92
CA ALA A 197 -13.88 -11.41 10.23
C ALA A 197 -13.77 -12.46 9.12
N ARG A 198 -14.92 -12.83 8.57
CA ARG A 198 -14.99 -13.87 7.55
C ARG A 198 -15.82 -13.39 6.37
N GLY A 199 -15.50 -13.90 5.17
CA GLY A 199 -16.36 -13.80 4.00
C GLY A 199 -16.12 -12.56 3.12
N TYR A 200 -15.15 -11.71 3.48
CA TYR A 200 -14.93 -10.50 2.71
C TYR A 200 -13.50 -10.45 2.16
N LEU A 201 -13.09 -11.59 1.58
CA LEU A 201 -11.83 -11.78 0.88
C LEU A 201 -10.67 -11.90 1.87
N LEU A 202 -10.49 -10.90 2.73
CA LEU A 202 -9.45 -10.91 3.74
C LEU A 202 -10.02 -11.43 5.07
N GLU A 203 -9.51 -12.57 5.55
CA GLU A 203 -10.16 -13.26 6.64
C GLU A 203 -9.28 -13.33 7.89
N ALA A 204 -9.96 -13.52 9.05
CA ALA A 204 -9.36 -13.51 10.38
C ALA A 204 -8.25 -14.55 10.48
N ASP A 205 -8.47 -15.71 9.84
CA ASP A 205 -7.56 -16.83 9.82
C ASP A 205 -6.33 -16.53 8.95
N ALA A 206 -6.54 -15.82 7.83
CA ALA A 206 -5.43 -15.43 6.98
C ALA A 206 -4.54 -14.41 7.70
N MET A 207 -5.15 -13.39 8.34
CA MET A 207 -4.44 -12.33 9.05
C MET A 207 -3.55 -12.87 10.16
N GLN A 208 -4.00 -13.96 10.80
CA GLN A 208 -3.28 -14.70 11.82
C GLN A 208 -2.04 -15.35 11.20
N TRP A 209 -2.27 -15.97 10.04
CA TRP A 209 -1.27 -16.76 9.36
C TRP A 209 -0.17 -15.84 8.84
N PHE A 210 -0.55 -14.73 8.20
CA PHE A 210 0.38 -13.70 7.75
C PHE A 210 1.26 -13.23 8.92
N GLY A 211 0.63 -12.95 10.07
CA GLY A 211 1.30 -12.57 11.30
C GLY A 211 2.33 -13.60 11.74
N GLU A 212 1.96 -14.88 11.70
CA GLU A 212 2.91 -15.95 12.01
C GLU A 212 4.10 -15.96 11.05
N GLN A 213 3.89 -15.56 9.79
CA GLN A 213 4.94 -15.65 8.79
C GLN A 213 5.92 -14.46 8.89
N TYR A 214 5.41 -13.29 9.26
CA TYR A 214 6.10 -12.01 9.15
C TYR A 214 6.91 -11.72 10.42
N LEU A 215 6.24 -11.82 11.57
CA LEU A 215 6.79 -11.49 12.87
C LEU A 215 7.78 -12.57 13.32
N ARG A 216 8.72 -12.16 14.19
CA ARG A 216 9.68 -13.08 14.76
C ARG A 216 9.04 -13.79 15.96
N THR A 217 8.47 -13.03 16.89
CA THR A 217 7.73 -13.59 18.02
C THR A 217 6.44 -12.81 18.21
N PRO A 218 5.45 -13.35 18.96
CA PRO A 218 4.20 -12.64 19.24
C PRO A 218 4.31 -11.23 19.86
N ASP A 219 5.39 -10.99 20.60
CA ASP A 219 5.66 -9.68 21.19
C ASP A 219 5.83 -8.61 20.10
N ASP A 220 6.22 -9.01 18.88
CA ASP A 220 6.47 -8.08 17.80
C ASP A 220 5.24 -7.22 17.47
N VAL A 221 4.05 -7.71 17.83
CA VAL A 221 2.80 -7.06 17.44
C VAL A 221 2.72 -5.66 18.03
N SER A 222 3.50 -5.40 19.08
CA SER A 222 3.33 -4.13 19.77
C SER A 222 4.46 -3.16 19.41
N HIS A 223 5.46 -3.65 18.67
CA HIS A 223 6.52 -2.81 18.14
C HIS A 223 5.92 -1.79 17.16
N PRO A 224 6.30 -0.49 17.21
CA PRO A 224 5.71 0.55 16.33
C PRO A 224 6.01 0.42 14.84
N TRP A 225 7.00 -0.40 14.48
CA TRP A 225 7.32 -0.67 13.07
C TRP A 225 6.48 -1.83 12.55
N ALA A 226 5.82 -2.57 13.45
CA ALA A 226 4.80 -3.54 13.05
C ALA A 226 3.42 -2.88 13.12
N SER A 227 3.21 -2.00 14.13
CA SER A 227 1.93 -1.36 14.43
C SER A 227 2.06 0.16 14.48
N PRO A 228 2.20 0.86 13.32
CA PRO A 228 2.41 2.31 13.34
C PRO A 228 1.31 3.10 14.06
N ALA A 229 0.13 2.50 14.20
CA ALA A 229 -1.01 3.06 14.92
C ALA A 229 -0.71 3.30 16.41
N LEU A 230 0.28 2.60 17.00
CA LEU A 230 0.51 2.68 18.44
C LEU A 230 1.48 3.82 18.74
N SER A 231 2.08 4.38 17.70
CA SER A 231 2.97 5.51 17.82
C SER A 231 2.24 6.70 18.47
N PRO A 232 2.63 7.16 19.69
CA PRO A 232 1.85 8.15 20.43
C PRO A 232 1.96 9.63 19.99
N ASP A 233 2.87 9.92 19.06
CA ASP A 233 3.08 11.28 18.59
C ASP A 233 3.14 11.32 17.07
N LEU A 234 2.06 11.79 16.43
CA LEU A 234 1.95 11.76 14.98
C LEU A 234 2.15 13.16 14.41
N THR A 235 2.61 14.11 15.25
CA THR A 235 2.79 15.49 14.81
C THR A 235 3.93 15.51 13.79
N GLY A 236 3.77 16.32 12.73
CA GLY A 236 4.87 16.55 11.79
C GLY A 236 4.98 15.50 10.68
N LEU A 237 4.06 14.51 10.63
CA LEU A 237 4.09 13.45 9.63
C LEU A 237 3.69 13.98 8.26
N PRO A 238 4.06 13.30 7.15
CA PRO A 238 3.62 13.71 5.82
C PRO A 238 2.10 13.81 5.64
N PRO A 239 1.61 14.83 4.90
CA PRO A 239 0.19 14.93 4.54
C PRO A 239 -0.25 13.57 4.06
N ALA A 240 -1.48 13.17 4.41
CA ALA A 240 -1.88 11.78 4.27
C ALA A 240 -3.21 11.64 3.55
N LEU A 241 -3.28 10.68 2.61
CA LEU A 241 -4.53 10.22 2.04
C LEU A 241 -4.77 8.80 2.51
N VAL A 242 -5.87 8.60 3.24
CA VAL A 242 -6.18 7.30 3.82
C VAL A 242 -7.51 6.83 3.23
N ILE A 243 -7.47 5.76 2.44
CA ILE A 243 -8.65 5.22 1.80
C ILE A 243 -9.00 3.94 2.55
N THR A 244 -10.29 3.76 2.85
CA THR A 244 -10.75 2.50 3.41
C THR A 244 -11.89 1.94 2.57
N ALA A 245 -12.15 0.65 2.75
CA ALA A 245 -13.34 -0.01 2.22
C ALA A 245 -14.30 -0.23 3.39
N GLU A 246 -15.59 0.05 3.17
CA GLU A 246 -16.64 -0.14 4.17
C GLU A 246 -16.62 -1.56 4.77
N TYR A 247 -16.50 -2.60 3.93
CA TYR A 247 -16.64 -3.96 4.40
C TYR A 247 -15.30 -4.68 4.46
N ASP A 248 -14.38 -4.13 5.26
CA ASP A 248 -13.01 -4.59 5.38
C ASP A 248 -12.69 -4.64 6.87
N PRO A 249 -12.19 -5.78 7.43
CA PRO A 249 -11.78 -5.81 8.83
C PRO A 249 -10.78 -4.71 9.20
N LEU A 250 -9.99 -4.23 8.22
CA LEU A 250 -8.95 -3.25 8.51
C LEU A 250 -9.51 -1.83 8.59
N ARG A 251 -10.82 -1.70 8.36
CA ARG A 251 -11.43 -0.40 8.13
C ARG A 251 -11.24 0.54 9.33
N ASP A 252 -11.52 0.03 10.54
CA ASP A 252 -11.56 0.88 11.72
C ASP A 252 -10.17 1.38 12.12
N GLU A 253 -9.12 0.55 11.96
CA GLU A 253 -7.78 1.04 12.31
C GLU A 253 -7.31 2.13 11.34
N GLY A 254 -7.63 1.94 10.05
CA GLY A 254 -7.32 2.91 9.00
C GLY A 254 -7.98 4.27 9.28
N GLU A 255 -9.28 4.20 9.62
CA GLU A 255 -10.07 5.40 9.85
C GLU A 255 -9.66 6.07 11.16
N ALA A 256 -9.43 5.28 12.22
CA ALA A 256 -8.95 5.84 13.47
C ALA A 256 -7.58 6.52 13.27
N TYR A 257 -6.72 5.92 12.44
CA TYR A 257 -5.39 6.50 12.21
C TYR A 257 -5.52 7.85 11.51
N ALA A 258 -6.42 7.94 10.53
CA ALA A 258 -6.62 9.18 9.80
C ALA A 258 -7.17 10.28 10.73
N GLU A 259 -8.09 9.90 11.63
CA GLU A 259 -8.62 10.77 12.67
C GLU A 259 -7.46 11.29 13.54
N ALA A 260 -6.60 10.36 13.97
CA ALA A 260 -5.46 10.67 14.82
C ALA A 260 -4.47 11.62 14.13
N LEU A 261 -4.22 11.42 12.82
CA LEU A 261 -3.33 12.30 12.07
C LEU A 261 -3.93 13.72 11.98
N ARG A 262 -5.25 13.79 11.70
CA ARG A 262 -6.00 15.03 11.60
CA ARG A 262 -5.90 15.08 11.57
C ARG A 262 -5.84 15.84 12.89
N ALA A 263 -5.95 15.16 14.03
CA ALA A 263 -5.83 15.77 15.35
C ALA A 263 -4.39 16.14 15.69
N ALA A 264 -3.41 15.63 14.93
CA ALA A 264 -2.00 15.93 15.14
C ALA A 264 -1.53 17.04 14.21
N GLY A 265 -2.49 17.68 13.52
CA GLY A 265 -2.16 18.79 12.63
C GLY A 265 -1.69 18.35 11.24
N VAL A 266 -1.77 17.05 10.96
CA VAL A 266 -1.33 16.56 9.67
C VAL A 266 -2.48 16.77 8.68
N PRO A 267 -2.26 17.51 7.57
CA PRO A 267 -3.28 17.62 6.52
C PRO A 267 -3.62 16.20 6.07
N THR A 268 -4.90 15.84 6.22
CA THR A 268 -5.37 14.47 6.05
C THR A 268 -6.65 14.48 5.22
N GLU A 269 -6.71 13.60 4.22
CA GLU A 269 -7.93 13.35 3.49
C GLU A 269 -8.36 11.91 3.75
N GLN A 270 -9.58 11.75 4.27
CA GLN A 270 -10.05 10.46 4.69
C GLN A 270 -11.22 10.05 3.81
N ILE A 271 -11.10 8.92 3.11
CA ILE A 271 -12.16 8.48 2.19
C ILE A 271 -12.47 7.02 2.43
N ARG A 272 -13.69 6.76 2.92
CA ARG A 272 -14.31 5.44 2.93
C ARG A 272 -15.07 5.21 1.62
N PHE A 273 -14.70 4.15 0.88
CA PHE A 273 -15.46 3.68 -0.27
C PHE A 273 -16.54 2.70 0.19
N ASP A 274 -17.81 3.17 0.13
CA ASP A 274 -18.97 2.42 0.61
C ASP A 274 -19.30 1.29 -0.35
N GLY A 275 -19.79 0.18 0.21
CA GLY A 275 -20.16 -1.01 -0.53
C GLY A 275 -18.93 -1.85 -0.92
N MET A 276 -17.73 -1.32 -0.63
CA MET A 276 -16.48 -1.92 -1.10
C MET A 276 -15.92 -2.90 -0.08
N ILE A 277 -14.99 -3.73 -0.57
CA ILE A 277 -14.23 -4.65 0.27
C ILE A 277 -12.74 -4.37 0.09
N HIS A 278 -11.95 -4.94 1.00
CA HIS A 278 -10.50 -4.99 0.95
C HIS A 278 -10.06 -5.47 -0.45
N GLY A 279 -9.03 -4.80 -0.98
CA GLY A 279 -8.30 -5.26 -2.14
C GLY A 279 -8.77 -4.58 -3.43
N PHE A 280 -9.82 -3.74 -3.31
CA PHE A 280 -10.58 -3.29 -4.47
C PHE A 280 -9.72 -2.43 -5.40
N MET A 281 -8.62 -1.88 -4.88
CA MET A 281 -7.80 -1.00 -5.70
C MET A 281 -6.82 -1.80 -6.55
N THR A 282 -6.85 -3.14 -6.44
CA THR A 282 -6.17 -4.00 -7.40
C THR A 282 -7.18 -4.91 -8.10
N MET A 283 -8.45 -4.50 -8.15
CA MET A 283 -9.47 -5.32 -8.78
C MET A 283 -10.19 -4.50 -9.84
N PRO A 284 -9.62 -4.40 -11.06
CA PRO A 284 -10.14 -3.47 -12.07
C PRO A 284 -11.52 -3.82 -12.64
N ILE A 285 -12.08 -4.96 -12.20
CA ILE A 285 -13.47 -5.29 -12.47
C ILE A 285 -14.43 -4.33 -11.75
N PHE A 286 -13.96 -3.57 -10.75
CA PHE A 286 -14.76 -2.60 -10.00
C PHE A 286 -14.41 -1.20 -10.47
N PRO A 287 -15.39 -0.39 -10.91
CA PRO A 287 -15.13 1.00 -11.28
C PRO A 287 -14.66 1.90 -10.14
N GLN A 288 -14.77 1.41 -8.88
CA GLN A 288 -14.33 2.16 -7.71
C GLN A 288 -12.79 2.27 -7.67
N MET A 289 -12.10 1.29 -8.27
CA MET A 289 -10.65 1.30 -8.44
C MET A 289 -10.17 2.56 -9.16
N GLU A 290 -10.79 2.91 -10.31
CA GLU A 290 -10.40 4.11 -11.05
C GLU A 290 -10.81 5.38 -10.30
N ALA A 291 -11.98 5.35 -9.65
CA ALA A 291 -12.45 6.44 -8.79
C ALA A 291 -11.41 6.76 -7.70
N ALA A 292 -10.93 5.72 -7.00
CA ALA A 292 -9.90 5.88 -5.98
C ALA A 292 -8.59 6.43 -6.57
N ILE A 293 -8.29 6.06 -7.83
CA ILE A 293 -7.09 6.56 -8.52
C ILE A 293 -7.27 8.03 -8.87
N GLU A 294 -8.51 8.43 -9.17
CA GLU A 294 -8.82 9.83 -9.40
C GLU A 294 -8.74 10.62 -8.10
N ALA A 295 -9.18 10.01 -6.98
CA ALA A 295 -9.03 10.56 -5.62
C ALA A 295 -7.55 10.82 -5.31
N VAL A 296 -6.68 9.84 -5.65
CA VAL A 296 -5.23 10.02 -5.52
C VAL A 296 -4.74 11.21 -6.34
N ALA A 297 -5.15 11.33 -7.61
CA ALA A 297 -4.73 12.42 -8.50
C ALA A 297 -5.21 13.77 -7.97
N ARG A 298 -6.46 13.83 -7.47
CA ARG A 298 -6.99 15.07 -6.93
C ARG A 298 -6.24 15.48 -5.66
N PHE A 299 -5.90 14.51 -4.79
CA PHE A 299 -5.23 14.81 -3.53
C PHE A 299 -3.84 15.41 -3.77
N LEU A 300 -3.12 14.85 -4.76
CA LEU A 300 -1.74 15.24 -5.04
C LEU A 300 -1.69 16.59 -5.73
N GLU A 301 -2.79 16.99 -6.39
CA GLU A 301 -2.86 18.35 -6.90
C GLU A 301 -2.74 19.36 -5.77
N ARG A 302 -3.21 18.98 -4.56
CA ARG A 302 -3.22 19.84 -3.39
C ARG A 302 -1.88 19.78 -2.69
N ILE A 303 -0.96 18.93 -3.19
CA ILE A 303 0.38 18.77 -2.65
C ILE A 303 1.37 19.57 -3.49
N ASP A 304 1.64 19.10 -4.73
CA ASP A 304 2.49 19.72 -5.75
C ASP A 304 2.13 19.18 -7.14
C2 TKU B . -1.21 -8.72 8.16
C3 TKU B . -1.91 -7.65 7.34
C5 TKU B . -3.33 -8.03 5.15
C8 TKU B . -3.43 -8.68 3.75
C9 TKU B . -3.48 -8.06 1.34
C10 TKU B . -4.40 -9.23 1.02
C11 TKU B . -4.34 -10.36 1.84
C14 TKU B . -6.09 -10.37 -0.28
C16 TKU B . -5.52 -8.18 -1.12
C17 TKU B . -6.00 -7.91 -3.48
C24 TKU B . -4.97 -8.03 -8.87
C21 TKU B . -4.82 -9.29 -5.26
C23 TKU B . -4.23 -8.16 -7.55
C19 TKU B . -7.30 -9.66 -4.81
C18 TKU B . -6.14 -8.67 -4.81
C1 TKU B . -1.58 -8.78 9.63
C13 TKU B . -6.02 -11.47 0.55
C7 TKU B . -4.80 -8.16 7.24
O4 TKU B . -5.81 -8.74 -2.31
C4 TKU B . -1.97 -7.77 5.80
C6 TKU B . -4.10 -8.92 6.13
O1 TKU B . -3.32 -7.74 2.64
O2 TKU B . -3.02 -7.36 0.47
C12 TKU B . -5.14 -11.45 1.61
C15 TKU B . -5.29 -9.24 -0.07
O3 TKU B . -5.44 -6.99 -0.92
C20 TKU B . -7.73 -10.17 -6.18
C22 TKU B . -4.59 -9.41 -6.76
C TRS C . -16.41 9.20 4.32
C1 TRS C . -16.30 10.66 4.73
C2 TRS C . -17.83 8.81 3.92
C3 TRS C . -15.89 8.32 5.45
N TRS C . -15.54 9.01 3.11
O1 TRS C . -14.96 11.01 5.01
O2 TRS C . -17.86 7.84 2.87
O3 TRS C . -16.92 7.92 6.35
C1 GOL D . 12.61 -12.82 -0.36
O1 GOL D . 12.16 -13.51 0.80
C2 GOL D . 11.90 -13.31 -1.61
O2 GOL D . 11.50 -14.67 -1.45
C3 GOL D . 10.71 -12.46 -2.00
O3 GOL D . 10.95 -11.69 -3.17
C1 GOL E . -6.94 4.96 -16.88
O1 GOL E . -5.63 5.03 -17.45
C2 GOL E . -7.87 4.07 -17.67
O2 GOL E . -7.24 2.82 -17.94
C3 GOL E . -9.24 3.87 -17.04
O3 GOL E . -9.28 2.73 -16.18
C1 GOL F . -11.08 16.67 5.93
O1 GOL F . -10.59 17.98 5.66
C2 GOL F . -11.37 15.89 4.66
O2 GOL F . -11.28 14.47 4.88
C3 GOL F . -10.52 16.32 3.48
O3 GOL F . -10.92 15.66 2.29
C1 GOL G . -20.78 0.62 11.63
O1 GOL G . -20.43 -0.67 11.11
C2 GOL G . -19.98 1.73 10.98
O2 GOL G . -20.74 2.43 10.00
C3 GOL G . -19.42 2.73 11.96
O3 GOL G . -19.09 3.93 11.27
#